data_7WBC
#
_entry.id   7WBC
#
_cell.length_a   66.989
_cell.length_b   110.270
_cell.length_c   125.372
_cell.angle_alpha   90.000
_cell.angle_beta   90.000
_cell.angle_gamma   90.000
#
_symmetry.space_group_name_H-M   'C 2 2 21'
#
loop_
_entity.id
_entity.type
_entity.pdbx_description
1 polymer 'SDR family NAD(P)-dependent oxidoreductase'
2 non-polymer (4S)-2-METHYL-2,4-PENTANEDIOL
3 non-polymer NICOTINAMIDE-ADENINE-DINUCLEOTIDE
4 non-polymer 1,2-ETHANEDIOL
5 non-polymer 'CALCIUM ION'
6 non-polymer 'PHOSPHATE ION'
7 water water
#
_entity_poly.entity_id   1
_entity_poly.type   'polypeptide(L)'
_entity_poly.pdbx_seq_one_letter_code
;MGHHHHHHMKLRGKTAVVTGGAGGIGRAVTRVFVREGARVLFVDVDDDRGRALESELTGAGGEAKFLQADISRRESADQI
RDAAVAAFGGIDILVNNAHASRQALLVEHTPEMFELSFGTGFYPTVHLMQACYPQLKQARGSVVNFGSGSALDGMPTQTS
YAAAKEAIRAVSRVAANEWAADGIRVNVVCPFAATEGVQAWQQAFPDRAAAAAAKVPLQRIGDPETDIAPVVVFLASDDS
KYMTGQTLMADGGSIKLR
;
_entity_poly.pdbx_strand_id   A,B
#
loop_
_chem_comp.id
_chem_comp.type
_chem_comp.name
_chem_comp.formula
CA non-polymer 'CALCIUM ION' 'Ca 2'
EDO non-polymer 1,2-ETHANEDIOL 'C2 H6 O2'
MPD non-polymer (4S)-2-METHYL-2,4-PENTANEDIOL 'C6 H14 O2'
NAD non-polymer NICOTINAMIDE-ADENINE-DINUCLEOTIDE 'C21 H27 N7 O14 P2'
PO4 non-polymer 'PHOSPHATE ION' 'O4 P -3'
#
# COMPACT_ATOMS: atom_id res chain seq x y z
N MET A 9 -12.74 -6.05 -12.86
CA MET A 9 -12.34 -7.46 -12.87
C MET A 9 -11.20 -7.70 -11.88
N LYS A 10 -10.87 -6.68 -11.09
CA LYS A 10 -9.79 -6.83 -10.11
C LYS A 10 -10.12 -7.90 -9.08
N LEU A 11 -11.39 -8.02 -8.70
CA LEU A 11 -11.84 -9.01 -7.73
C LEU A 11 -12.86 -9.96 -8.34
N ARG A 12 -12.76 -10.20 -9.64
CA ARG A 12 -13.67 -11.12 -10.31
C ARG A 12 -13.56 -12.52 -9.69
N GLY A 13 -14.72 -13.11 -9.39
CA GLY A 13 -14.77 -14.43 -8.79
C GLY A 13 -14.61 -14.48 -7.29
N LYS A 14 -14.31 -13.35 -6.65
CA LYS A 14 -14.05 -13.31 -5.21
C LYS A 14 -15.28 -12.90 -4.44
N THR A 15 -15.41 -13.45 -3.24
CA THR A 15 -16.52 -13.14 -2.34
C THR A 15 -15.99 -12.36 -1.13
N ALA A 16 -16.65 -11.25 -0.80
CA ALA A 16 -16.19 -10.37 0.26
C ALA A 16 -17.28 -10.16 1.30
N VAL A 17 -16.86 -10.08 2.56
CA VAL A 17 -17.71 -9.70 3.67
C VAL A 17 -17.26 -8.32 4.13
N VAL A 18 -18.21 -7.38 4.23
CA VAL A 18 -17.91 -5.99 4.59
C VAL A 18 -18.87 -5.56 5.68
N THR A 19 -18.33 -5.25 6.87
CA THR A 19 -19.15 -4.78 7.98
C THR A 19 -19.26 -3.26 7.95
N GLY A 20 -20.38 -2.75 8.46
CA GLY A 20 -20.68 -1.34 8.30
C GLY A 20 -20.79 -0.92 6.86
N GLY A 21 -21.28 -1.80 5.99
CA GLY A 21 -21.27 -1.57 4.57
C GLY A 21 -22.39 -0.72 4.01
N ALA A 22 -23.24 -0.15 4.86
CA ALA A 22 -24.34 0.67 4.37
C ALA A 22 -24.06 2.16 4.38
N GLY A 23 -22.96 2.60 5.00
CA GLY A 23 -22.66 4.01 5.05
C GLY A 23 -21.17 4.26 5.10
N GLY A 24 -20.80 5.49 4.75
CA GLY A 24 -19.42 5.93 4.90
C GLY A 24 -18.46 5.10 4.06
N ILE A 25 -17.34 4.74 4.67
CA ILE A 25 -16.29 4.01 3.96
C ILE A 25 -16.76 2.62 3.59
N GLY A 26 -17.49 1.96 4.49
CA GLY A 26 -17.99 0.62 4.20
C GLY A 26 -18.90 0.59 2.99
N ARG A 27 -19.73 1.64 2.82
N ARG A 27 -19.72 1.64 2.81
CA ARG A 27 -20.57 1.72 1.63
CA ARG A 27 -20.57 1.72 1.63
C ARG A 27 -19.72 1.89 0.37
C ARG A 27 -19.73 1.88 0.36
N ALA A 28 -18.68 2.70 0.43
CA ALA A 28 -17.81 2.90 -0.73
C ALA A 28 -17.04 1.63 -1.06
N VAL A 29 -16.57 0.92 -0.03
CA VAL A 29 -15.93 -0.38 -0.26
C VAL A 29 -16.88 -1.33 -0.98
N THR A 30 -18.12 -1.42 -0.49
CA THR A 30 -19.11 -2.30 -1.11
C THR A 30 -19.35 -1.93 -2.57
N ARG A 31 -19.56 -0.64 -2.84
CA ARG A 31 -19.79 -0.18 -4.21
C ARG A 31 -18.64 -0.56 -5.13
N VAL A 32 -17.41 -0.21 -4.73
CA VAL A 32 -16.25 -0.42 -5.59
C VAL A 32 -15.92 -1.91 -5.71
N PHE A 33 -16.13 -2.68 -4.65
CA PHE A 33 -15.89 -4.13 -4.71
C PHE A 33 -16.78 -4.77 -5.76
N VAL A 34 -18.09 -4.53 -5.68
CA VAL A 34 -19.01 -5.04 -6.70
C VAL A 34 -18.62 -4.52 -8.07
N ARG A 35 -18.23 -3.25 -8.14
CA ARG A 35 -17.80 -2.67 -9.41
C ARG A 35 -16.55 -3.35 -9.95
N GLU A 36 -15.74 -3.94 -9.07
CA GLU A 36 -14.56 -4.68 -9.47
C GLU A 36 -14.85 -6.17 -9.69
N GLY A 37 -16.11 -6.56 -9.71
CA GLY A 37 -16.50 -7.93 -10.04
C GLY A 37 -16.71 -8.86 -8.86
N ALA A 38 -16.69 -8.36 -7.64
CA ALA A 38 -16.78 -9.21 -6.46
C ALA A 38 -18.22 -9.41 -6.01
N ARG A 39 -18.46 -10.55 -5.36
N ARG A 39 -18.46 -10.55 -5.37
CA ARG A 39 -19.72 -10.80 -4.67
CA ARG A 39 -19.72 -10.80 -4.67
C ARG A 39 -19.56 -10.35 -3.23
C ARG A 39 -19.56 -10.35 -3.23
N VAL A 40 -20.48 -9.50 -2.76
CA VAL A 40 -20.36 -8.85 -1.46
C VAL A 40 -21.57 -9.15 -0.61
N LEU A 41 -21.33 -9.64 0.60
CA LEU A 41 -22.31 -9.64 1.68
C LEU A 41 -21.92 -8.52 2.63
N PHE A 42 -22.68 -7.42 2.60
CA PHE A 42 -22.39 -6.28 3.45
C PHE A 42 -23.40 -6.22 4.60
N VAL A 43 -22.90 -5.86 5.79
CA VAL A 43 -23.61 -6.00 7.04
C VAL A 43 -23.73 -4.64 7.70
N ASP A 44 -24.92 -4.34 8.21
CA ASP A 44 -25.12 -3.05 8.89
C ASP A 44 -26.40 -3.12 9.73
N VAL A 45 -26.45 -2.29 10.77
CA VAL A 45 -27.69 -2.09 11.50
C VAL A 45 -28.62 -1.13 10.78
N ASP A 46 -28.11 -0.37 9.81
CA ASP A 46 -28.88 0.62 9.08
C ASP A 46 -29.48 -0.04 7.85
N ASP A 47 -30.72 -0.53 8.01
CA ASP A 47 -31.40 -1.17 6.89
C ASP A 47 -32.02 -0.17 5.92
N ASP A 48 -32.23 1.09 6.35
CA ASP A 48 -32.68 2.11 5.42
C ASP A 48 -31.62 2.36 4.34
N ARG A 49 -30.41 2.70 4.75
CA ARG A 49 -29.30 2.79 3.79
C ARG A 49 -28.93 1.42 3.24
N GLY A 50 -29.09 0.36 4.04
CA GLY A 50 -28.67 -0.95 3.61
C GLY A 50 -29.51 -1.49 2.47
N ARG A 51 -30.83 -1.37 2.59
CA ARG A 51 -31.71 -1.90 1.53
C ARG A 51 -31.61 -1.07 0.26
N ALA A 52 -31.41 0.25 0.39
CA ALA A 52 -31.30 1.07 -0.81
C ALA A 52 -29.98 0.83 -1.53
N LEU A 53 -28.91 0.56 -0.78
CA LEU A 53 -27.65 0.19 -1.42
C LEU A 53 -27.78 -1.16 -2.14
N GLU A 54 -28.44 -2.13 -1.50
CA GLU A 54 -28.72 -3.39 -2.17
C GLU A 54 -29.55 -3.17 -3.44
N SER A 55 -30.55 -2.30 -3.37
CA SER A 55 -31.39 -2.01 -4.52
C SER A 55 -30.58 -1.37 -5.65
N GLU A 56 -29.67 -0.46 -5.32
CA GLU A 56 -28.89 0.22 -6.34
C GLU A 56 -27.89 -0.73 -6.98
N LEU A 57 -27.22 -1.56 -6.18
CA LEU A 57 -26.18 -2.43 -6.72
C LEU A 57 -26.76 -3.57 -7.54
N THR A 58 -27.85 -4.17 -7.07
CA THR A 58 -28.46 -5.26 -7.83
C THR A 58 -29.14 -4.74 -9.10
N GLY A 59 -29.58 -3.48 -9.09
CA GLY A 59 -30.17 -2.91 -10.29
C GLY A 59 -29.17 -2.81 -11.43
N ALA A 60 -27.95 -2.40 -11.11
CA ALA A 60 -26.86 -2.30 -12.08
C ALA A 60 -26.28 -3.65 -12.45
N GLY A 61 -26.84 -4.75 -11.96
CA GLY A 61 -26.39 -6.08 -12.31
C GLY A 61 -25.36 -6.69 -11.38
N GLY A 62 -25.07 -6.07 -10.25
CA GLY A 62 -24.09 -6.61 -9.33
C GLY A 62 -24.70 -7.58 -8.33
N GLU A 63 -23.83 -8.46 -7.79
CA GLU A 63 -24.22 -9.45 -6.80
C GLU A 63 -23.86 -8.90 -5.42
N ALA A 64 -24.84 -8.31 -4.76
CA ALA A 64 -24.68 -7.81 -3.39
C ALA A 64 -25.86 -8.26 -2.56
N LYS A 65 -25.60 -8.63 -1.31
CA LYS A 65 -26.64 -9.03 -0.37
C LYS A 65 -26.47 -8.26 0.92
N PHE A 66 -27.51 -7.56 1.35
CA PHE A 66 -27.50 -6.87 2.63
C PHE A 66 -27.95 -7.81 3.73
N LEU A 67 -27.20 -7.81 4.83
CA LEU A 67 -27.56 -8.54 6.04
C LEU A 67 -27.68 -7.54 7.17
N GLN A 68 -28.87 -7.38 7.72
CA GLN A 68 -29.08 -6.49 8.86
C GLN A 68 -28.67 -7.21 10.13
N ALA A 69 -27.63 -6.72 10.79
CA ALA A 69 -27.12 -7.38 11.98
C ALA A 69 -26.30 -6.41 12.81
N ASP A 70 -26.47 -6.48 14.12
CA ASP A 70 -25.60 -5.79 15.07
C ASP A 70 -24.39 -6.68 15.34
N ILE A 71 -23.24 -6.32 14.75
CA ILE A 71 -22.08 -7.19 14.83
C ILE A 71 -21.48 -7.28 16.23
N SER A 72 -21.94 -6.44 17.17
CA SER A 72 -21.45 -6.52 18.53
C SER A 72 -22.05 -7.68 19.32
N ARG A 73 -23.01 -8.40 18.76
CA ARG A 73 -23.65 -9.49 19.48
C ARG A 73 -22.91 -10.82 19.24
N ARG A 74 -23.07 -11.73 20.21
CA ARG A 74 -22.26 -12.95 20.23
C ARG A 74 -22.50 -13.82 19.01
N GLU A 75 -23.75 -13.88 18.54
CA GLU A 75 -24.08 -14.78 17.44
C GLU A 75 -23.95 -14.15 16.06
N SER A 76 -23.51 -12.89 15.97
CA SER A 76 -23.46 -12.23 14.67
C SER A 76 -22.35 -12.78 13.79
N ALA A 77 -21.19 -13.10 14.37
CA ALA A 77 -20.06 -13.57 13.57
C ALA A 77 -20.43 -14.84 12.79
N ASP A 78 -21.06 -15.79 13.47
CA ASP A 78 -21.44 -17.04 12.80
C ASP A 78 -22.58 -16.80 11.81
N GLN A 79 -23.51 -15.90 12.14
CA GLN A 79 -24.59 -15.58 11.22
C GLN A 79 -24.07 -14.91 9.96
N ILE A 80 -23.07 -14.03 10.10
CA ILE A 80 -22.48 -13.36 8.95
C ILE A 80 -21.75 -14.36 8.06
N ARG A 81 -20.95 -15.24 8.69
CA ARG A 81 -20.24 -16.26 7.92
C ARG A 81 -21.22 -17.18 7.20
N ASP A 82 -22.24 -17.65 7.92
CA ASP A 82 -23.21 -18.58 7.33
C ASP A 82 -23.97 -17.92 6.19
N ALA A 83 -24.26 -16.63 6.31
CA ALA A 83 -25.00 -15.93 5.25
C ALA A 83 -24.15 -15.75 4.00
N ALA A 84 -22.86 -15.44 4.17
CA ALA A 84 -21.98 -15.31 3.01
C ALA A 84 -21.77 -16.65 2.33
N VAL A 85 -21.54 -17.71 3.12
CA VAL A 85 -21.35 -19.04 2.54
C VAL A 85 -22.62 -19.49 1.82
N ALA A 86 -23.78 -19.27 2.42
CA ALA A 86 -25.03 -19.72 1.80
C ALA A 86 -25.32 -18.96 0.52
N ALA A 87 -24.95 -17.67 0.47
CA ALA A 87 -25.27 -16.87 -0.71
C ALA A 87 -24.24 -17.05 -1.82
N PHE A 88 -22.97 -17.20 -1.47
CA PHE A 88 -21.90 -17.16 -2.47
C PHE A 88 -20.94 -18.35 -2.41
N GLY A 89 -21.07 -19.24 -1.43
CA GLY A 89 -20.31 -20.47 -1.42
C GLY A 89 -18.95 -20.38 -0.76
N GLY A 90 -18.48 -19.20 -0.39
CA GLY A 90 -17.17 -19.07 0.21
C GLY A 90 -16.93 -17.65 0.67
N ILE A 91 -15.73 -17.41 1.17
CA ILE A 91 -15.30 -16.10 1.65
C ILE A 91 -13.84 -15.92 1.25
N ASP A 92 -13.58 -14.98 0.35
CA ASP A 92 -12.22 -14.64 -0.05
C ASP A 92 -11.67 -13.42 0.67
N ILE A 93 -12.55 -12.49 1.06
CA ILE A 93 -12.14 -11.20 1.60
C ILE A 93 -13.00 -10.89 2.82
N LEU A 94 -12.35 -10.42 3.89
CA LEU A 94 -13.04 -9.97 5.09
C LEU A 94 -12.58 -8.56 5.41
N VAL A 95 -13.51 -7.61 5.35
CA VAL A 95 -13.22 -6.20 5.60
C VAL A 95 -13.93 -5.83 6.89
N ASN A 96 -13.16 -5.71 7.98
CA ASN A 96 -13.70 -5.36 9.29
C ASN A 96 -13.70 -3.84 9.42
N ASN A 97 -14.75 -3.24 8.90
CA ASN A 97 -14.82 -1.79 8.75
C ASN A 97 -15.64 -1.10 9.84
N ALA A 98 -16.66 -1.76 10.39
CA ALA A 98 -17.56 -1.10 11.33
C ALA A 98 -16.87 -0.81 12.65
N HIS A 99 -17.20 0.34 13.23
CA HIS A 99 -16.69 0.77 14.52
C HIS A 99 -17.48 1.98 15.01
N ALA A 100 -17.93 1.97 16.26
CA ALA A 100 -18.57 3.11 16.88
C ALA A 100 -17.79 3.49 18.14
N SER A 101 -17.80 4.78 18.47
CA SER A 101 -17.04 5.26 19.61
C SER A 101 -17.64 6.58 20.08
N ARG A 102 -17.23 6.99 21.28
CA ARG A 102 -17.54 8.30 21.83
C ARG A 102 -16.25 9.00 22.23
N GLN A 103 -16.25 10.32 22.12
CA GLN A 103 -15.08 11.14 22.38
C GLN A 103 -15.24 11.86 23.71
N ALA A 104 -14.23 11.73 24.58
CA ALA A 104 -14.23 12.41 25.86
C ALA A 104 -12.83 12.34 26.44
N LEU A 105 -12.52 13.31 27.30
CA LEU A 105 -11.24 13.31 27.99
C LEU A 105 -11.09 12.05 28.84
N LEU A 106 -9.83 11.67 29.09
CA LEU A 106 -9.58 10.44 29.84
C LEU A 106 -10.19 10.51 31.24
N VAL A 107 -10.13 11.67 31.89
CA VAL A 107 -10.74 11.82 33.21
C VAL A 107 -12.25 11.89 33.13
N GLU A 108 -12.81 11.97 31.93
CA GLU A 108 -14.25 11.98 31.72
C GLU A 108 -14.78 10.64 31.23
N HIS A 109 -13.92 9.66 31.00
CA HIS A 109 -14.35 8.40 30.38
C HIS A 109 -15.15 7.54 31.33
N THR A 110 -16.08 6.77 30.77
CA THR A 110 -17.00 5.90 31.48
C THR A 110 -16.92 4.50 30.90
N PRO A 111 -17.30 3.48 31.68
CA PRO A 111 -17.27 2.10 31.14
C PRO A 111 -18.07 1.93 29.87
N GLU A 112 -19.19 2.66 29.73
CA GLU A 112 -20.01 2.57 28.53
C GLU A 112 -19.23 3.03 27.30
N MET A 113 -18.25 3.90 27.49
CA MET A 113 -17.43 4.38 26.38
C MET A 113 -16.52 3.27 25.86
N PHE A 114 -15.86 2.56 26.79
CA PHE A 114 -15.01 1.44 26.39
C PHE A 114 -15.84 0.29 25.85
N GLU A 115 -17.03 0.06 26.42
CA GLU A 115 -17.90 -1.01 25.94
C GLU A 115 -18.32 -0.78 24.50
N LEU A 116 -18.67 0.46 24.16
CA LEU A 116 -19.07 0.78 22.79
C LEU A 116 -17.92 0.56 21.82
N SER A 117 -16.74 1.09 22.15
CA SER A 117 -15.62 1.04 21.19
C SER A 117 -15.10 -0.38 21.02
N PHE A 118 -14.85 -1.08 22.13
CA PHE A 118 -14.37 -2.46 22.01
C PHE A 118 -15.46 -3.39 21.52
N GLY A 119 -16.71 -3.14 21.92
CA GLY A 119 -17.80 -4.02 21.53
C GLY A 119 -18.17 -3.94 20.06
N THR A 120 -18.01 -2.77 19.45
CA THR A 120 -18.32 -2.62 18.03
C THR A 120 -17.10 -2.70 17.13
N GLY A 121 -15.92 -2.36 17.63
CA GLY A 121 -14.73 -2.34 16.80
C GLY A 121 -13.81 -3.53 16.98
N PHE A 122 -13.34 -3.74 18.20
CA PHE A 122 -12.31 -4.75 18.46
C PHE A 122 -12.86 -6.16 18.40
N TYR A 123 -13.82 -6.47 19.27
CA TYR A 123 -14.29 -7.85 19.38
C TYR A 123 -14.95 -8.38 18.11
N PRO A 124 -15.74 -7.60 17.36
CA PRO A 124 -16.21 -8.11 16.05
C PRO A 124 -15.08 -8.40 15.10
N THR A 125 -14.00 -7.62 15.14
CA THR A 125 -12.84 -7.92 14.30
C THR A 125 -12.26 -9.29 14.65
N VAL A 126 -12.10 -9.56 15.95
CA VAL A 126 -11.57 -10.85 16.37
C VAL A 126 -12.54 -11.98 16.04
N HIS A 127 -13.81 -11.80 16.39
CA HIS A 127 -14.77 -12.90 16.25
C HIS A 127 -15.07 -13.20 14.79
N LEU A 128 -15.11 -12.18 13.93
CA LEU A 128 -15.35 -12.45 12.52
C LEU A 128 -14.14 -13.10 11.87
N MET A 129 -12.93 -12.77 12.33
CA MET A 129 -11.75 -13.44 11.82
C MET A 129 -11.73 -14.91 12.23
N GLN A 130 -12.13 -15.19 13.47
CA GLN A 130 -12.19 -16.58 13.93
C GLN A 130 -13.26 -17.36 13.18
N ALA A 131 -14.42 -16.74 12.95
CA ALA A 131 -15.52 -17.44 12.29
C ALA A 131 -15.21 -17.70 10.83
N CYS A 132 -14.52 -16.77 10.17
CA CYS A 132 -14.26 -16.86 8.74
C CYS A 132 -12.93 -17.53 8.42
N TYR A 133 -12.16 -17.94 9.44
CA TYR A 133 -10.83 -18.49 9.19
C TYR A 133 -10.83 -19.72 8.28
N PRO A 134 -11.67 -20.75 8.51
CA PRO A 134 -11.65 -21.89 7.58
C PRO A 134 -11.94 -21.50 6.14
N GLN A 135 -12.86 -20.57 5.91
CA GLN A 135 -13.16 -20.15 4.54
C GLN A 135 -12.02 -19.33 3.96
N LEU A 136 -11.40 -18.46 4.76
CA LEU A 136 -10.27 -17.66 4.28
C LEU A 136 -9.06 -18.53 3.99
N LYS A 137 -8.84 -19.56 4.79
CA LYS A 137 -7.72 -20.47 4.54
C LYS A 137 -7.93 -21.24 3.24
N GLN A 138 -9.17 -21.67 2.99
CA GLN A 138 -9.48 -22.33 1.72
C GLN A 138 -9.21 -21.41 0.53
N ALA A 139 -9.57 -20.13 0.66
CA ALA A 139 -9.42 -19.17 -0.41
C ALA A 139 -8.01 -18.58 -0.49
N ARG A 140 -7.19 -18.80 0.54
CA ARG A 140 -5.91 -18.08 0.67
C ARG A 140 -6.16 -16.58 0.57
N GLY A 141 -7.10 -16.10 1.38
CA GLY A 141 -7.70 -14.79 1.21
C GLY A 141 -7.00 -13.68 1.96
N SER A 142 -7.75 -12.60 2.19
CA SER A 142 -7.20 -11.35 2.67
C SER A 142 -8.16 -10.72 3.67
N VAL A 143 -7.63 -10.26 4.80
CA VAL A 143 -8.39 -9.56 5.82
C VAL A 143 -7.92 -8.12 5.86
N VAL A 144 -8.86 -7.17 5.74
CA VAL A 144 -8.56 -5.75 5.81
C VAL A 144 -9.25 -5.19 7.04
N ASN A 145 -8.47 -4.89 8.07
CA ASN A 145 -8.98 -4.24 9.27
C ASN A 145 -8.72 -2.75 9.21
N PHE A 146 -9.32 -2.01 10.14
CA PHE A 146 -9.32 -0.56 10.08
C PHE A 146 -8.74 0.04 11.36
N GLY A 147 -7.72 0.88 11.21
CA GLY A 147 -7.21 1.68 12.29
C GLY A 147 -7.56 3.14 12.13
N SER A 148 -6.78 4.00 12.80
CA SER A 148 -7.03 5.43 12.73
C SER A 148 -5.75 6.19 13.01
N GLY A 149 -5.53 7.26 12.24
CA GLY A 149 -4.36 8.10 12.47
C GLY A 149 -4.37 8.77 13.81
N SER A 150 -5.56 9.14 14.30
CA SER A 150 -5.65 9.76 15.63
C SER A 150 -5.24 8.80 16.73
N ALA A 151 -5.34 7.49 16.49
CA ALA A 151 -4.84 6.52 17.45
C ALA A 151 -3.32 6.45 17.43
N LEU A 152 -2.71 6.72 16.27
CA LEU A 152 -1.25 6.79 16.21
C LEU A 152 -0.73 8.02 16.94
N ASP A 153 -1.40 9.16 16.77
CA ASP A 153 -0.95 10.40 17.40
C ASP A 153 -1.22 10.41 18.89
N GLY A 154 -2.29 9.76 19.33
CA GLY A 154 -2.79 9.98 20.67
C GLY A 154 -3.64 11.22 20.78
N MET A 155 -4.51 11.46 19.80
CA MET A 155 -5.34 12.66 19.77
C MET A 155 -6.17 12.75 21.03
N PRO A 156 -6.23 13.92 21.68
CA PRO A 156 -7.08 14.07 22.86
C PRO A 156 -8.53 13.69 22.57
N THR A 157 -9.23 13.24 23.61
CA THR A 157 -10.59 12.72 23.64
C THR A 157 -10.72 11.33 23.04
N GLN A 158 -9.64 10.71 22.56
CA GLN A 158 -9.72 9.42 21.87
C GLN A 158 -9.30 8.23 22.72
N THR A 159 -9.42 8.33 24.05
CA THR A 159 -8.98 7.24 24.93
C THR A 159 -9.56 5.90 24.51
N SER A 160 -10.90 5.80 24.49
CA SER A 160 -11.51 4.50 24.19
C SER A 160 -11.46 4.17 22.70
N TYR A 161 -11.51 5.18 21.83
CA TYR A 161 -11.42 4.92 20.40
C TYR A 161 -10.03 4.43 20.02
N ALA A 162 -8.99 5.10 20.51
CA ALA A 162 -7.63 4.72 20.16
C ALA A 162 -7.22 3.40 20.79
N ALA A 163 -7.73 3.10 21.98
CA ALA A 163 -7.38 1.84 22.64
C ALA A 163 -7.85 0.64 21.82
N ALA A 164 -9.10 0.70 21.34
CA ALA A 164 -9.62 -0.37 20.50
C ALA A 164 -8.89 -0.43 19.16
N LYS A 165 -8.61 0.73 18.56
CA LYS A 165 -7.95 0.76 17.26
C LYS A 165 -6.55 0.14 17.33
N GLU A 166 -5.79 0.46 18.37
CA GLU A 166 -4.46 -0.11 18.49
C GLU A 166 -4.52 -1.58 18.92
N ALA A 167 -5.58 -1.99 19.60
CA ALA A 167 -5.79 -3.41 19.87
C ALA A 167 -6.13 -4.15 18.58
N ILE A 168 -6.88 -3.49 17.68
CA ILE A 168 -7.17 -4.08 16.37
C ILE A 168 -5.88 -4.26 15.58
N ARG A 169 -5.01 -3.24 15.60
CA ARG A 169 -3.75 -3.34 14.88
C ARG A 169 -2.83 -4.40 15.47
N ALA A 170 -2.86 -4.56 16.79
CA ALA A 170 -2.02 -5.58 17.42
C ALA A 170 -2.44 -6.98 17.00
N VAL A 171 -3.74 -7.28 17.10
CA VAL A 171 -4.20 -8.61 16.71
C VAL A 171 -4.02 -8.82 15.21
N SER A 172 -4.06 -7.74 14.43
CA SER A 172 -3.80 -7.88 13.00
C SER A 172 -2.37 -8.33 12.74
N ARG A 173 -1.41 -7.81 13.49
CA ARG A 173 -0.02 -8.23 13.31
C ARG A 173 0.19 -9.65 13.80
N VAL A 174 -0.47 -10.04 14.90
CA VAL A 174 -0.35 -11.41 15.39
C VAL A 174 -0.94 -12.39 14.38
N ALA A 175 -2.14 -12.08 13.88
CA ALA A 175 -2.79 -12.97 12.93
C ALA A 175 -2.02 -13.05 11.63
N ALA A 176 -1.38 -11.95 11.21
CA ALA A 176 -0.54 -11.99 10.03
C ALA A 176 0.57 -13.02 10.18
N ASN A 177 1.18 -13.09 11.36
CA ASN A 177 2.23 -14.07 11.60
C ASN A 177 1.66 -15.47 11.76
N GLU A 178 0.53 -15.60 12.45
CA GLU A 178 -0.03 -16.93 12.70
C GLU A 178 -0.64 -17.53 11.44
N TRP A 179 -1.17 -16.71 10.54
CA TRP A 179 -1.92 -17.19 9.39
C TRP A 179 -1.14 -17.13 8.09
N ALA A 180 0.09 -16.61 8.10
CA ALA A 180 0.84 -16.49 6.86
C ALA A 180 1.10 -17.84 6.23
N ALA A 181 1.33 -18.88 7.05
CA ALA A 181 1.57 -20.21 6.52
C ALA A 181 0.36 -20.76 5.78
N ASP A 182 -0.83 -20.27 6.11
CA ASP A 182 -2.05 -20.65 5.38
C ASP A 182 -2.30 -19.80 4.16
N GLY A 183 -1.43 -18.82 3.88
CA GLY A 183 -1.65 -17.93 2.76
C GLY A 183 -2.68 -16.85 3.00
N ILE A 184 -3.13 -16.66 4.24
CA ILE A 184 -4.08 -15.60 4.58
C ILE A 184 -3.30 -14.36 4.99
N ARG A 185 -3.60 -13.24 4.35
CA ARG A 185 -2.95 -11.98 4.65
C ARG A 185 -3.87 -11.10 5.48
N VAL A 186 -3.28 -10.34 6.40
CA VAL A 186 -4.00 -9.44 7.30
C VAL A 186 -3.30 -8.09 7.26
N ASN A 187 -4.04 -7.04 6.91
CA ASN A 187 -3.50 -5.70 6.82
C ASN A 187 -4.50 -4.72 7.40
N VAL A 188 -4.03 -3.50 7.66
CA VAL A 188 -4.82 -2.44 8.25
C VAL A 188 -4.79 -1.23 7.34
N VAL A 189 -5.93 -0.56 7.21
CA VAL A 189 -6.03 0.74 6.55
C VAL A 189 -6.34 1.79 7.61
N CYS A 190 -5.59 2.89 7.60
CA CYS A 190 -5.94 4.06 8.39
C CYS A 190 -6.43 5.15 7.46
N PRO A 191 -7.74 5.41 7.39
CA PRO A 191 -8.25 6.38 6.44
C PRO A 191 -8.55 7.74 7.05
N PHE A 192 -8.79 8.72 6.18
CA PHE A 192 -9.35 10.01 6.58
C PHE A 192 -10.31 10.41 5.46
N ALA A 193 -11.61 10.32 5.73
CA ALA A 193 -12.60 10.45 4.67
C ALA A 193 -13.84 11.17 5.19
N ALA A 194 -14.54 11.82 4.27
CA ALA A 194 -15.78 12.54 4.59
C ALA A 194 -16.91 11.53 4.70
N THR A 195 -17.27 11.19 5.93
CA THR A 195 -18.34 10.24 6.22
C THR A 195 -19.30 10.87 7.21
N GLU A 196 -20.37 10.14 7.53
CA GLU A 196 -21.33 10.63 8.52
C GLU A 196 -20.71 10.69 9.91
N GLY A 197 -19.90 9.69 10.27
CA GLY A 197 -19.24 9.73 11.57
C GLY A 197 -18.28 10.88 11.71
N VAL A 198 -17.62 11.27 10.60
CA VAL A 198 -16.69 12.39 10.65
C VAL A 198 -17.44 13.72 10.74
N GLN A 199 -18.60 13.81 10.07
CA GLN A 199 -19.39 15.04 10.11
C GLN A 199 -19.91 15.30 11.52
N ALA A 200 -20.33 14.26 12.24
CA ALA A 200 -20.76 14.43 13.62
C ALA A 200 -19.61 14.91 14.50
N TRP A 201 -18.42 14.37 14.26
CA TRP A 201 -17.25 14.79 15.03
C TRP A 201 -16.86 16.22 14.69
N GLN A 202 -16.92 16.60 13.42
CA GLN A 202 -16.61 17.97 13.02
C GLN A 202 -17.56 18.97 13.66
N GLN A 203 -18.79 18.55 13.96
CA GLN A 203 -19.75 19.44 14.58
C GLN A 203 -19.48 19.58 16.08
N ALA A 204 -19.06 18.49 16.73
CA ALA A 204 -18.83 18.53 18.17
C ALA A 204 -17.46 19.10 18.52
N PHE A 205 -16.49 19.02 17.60
CA PHE A 205 -15.14 19.50 17.83
C PHE A 205 -14.66 20.27 16.61
N PRO A 206 -15.20 21.48 16.39
CA PRO A 206 -14.91 22.17 15.13
C PRO A 206 -13.47 22.66 15.02
N ASP A 207 -12.85 23.09 16.12
CA ASP A 207 -11.47 23.56 16.04
C ASP A 207 -10.51 22.42 15.73
N ARG A 208 -10.65 21.30 16.46
CA ARG A 208 -9.80 20.15 16.19
C ARG A 208 -10.02 19.62 14.77
N ALA A 209 -11.27 19.60 14.32
CA ALA A 209 -11.56 19.07 12.98
C ALA A 209 -10.94 19.95 11.90
N ALA A 210 -11.03 21.28 12.06
CA ALA A 210 -10.43 22.17 11.07
C ALA A 210 -8.92 22.03 11.06
N ALA A 211 -8.30 21.90 12.24
CA ALA A 211 -6.86 21.71 12.30
C ALA A 211 -6.44 20.41 11.61
N ALA A 212 -7.24 19.36 11.76
CA ALA A 212 -6.93 18.10 11.11
C ALA A 212 -7.03 18.22 9.60
N ALA A 213 -8.04 18.93 9.11
CA ALA A 213 -8.19 19.11 7.66
C ALA A 213 -7.08 19.98 7.09
N ALA A 214 -6.67 21.02 7.83
CA ALA A 214 -5.60 21.90 7.35
C ALA A 214 -4.25 21.22 7.37
N LYS A 215 -4.12 20.09 8.07
CA LYS A 215 -2.84 19.38 8.18
C LYS A 215 -2.56 18.50 6.97
N VAL A 216 -3.59 18.05 6.26
CA VAL A 216 -3.46 17.10 5.17
C VAL A 216 -2.57 17.68 4.07
N PRO A 217 -1.40 17.07 3.80
CA PRO A 217 -0.53 17.60 2.74
C PRO A 217 -1.21 17.68 1.38
N LEU A 218 -2.03 16.70 1.03
CA LEU A 218 -2.72 16.72 -0.25
C LEU A 218 -3.96 17.63 -0.25
N GLN A 219 -4.23 18.30 0.86
CA GLN A 219 -5.16 19.44 0.92
C GLN A 219 -6.61 19.05 0.63
N ARG A 220 -7.04 17.89 1.14
CA ARG A 220 -8.44 17.52 1.04
C ARG A 220 -8.74 16.42 2.06
N ILE A 221 -10.02 16.35 2.45
CA ILE A 221 -10.52 15.20 3.18
C ILE A 221 -10.88 14.12 2.17
N GLY A 222 -10.54 12.87 2.47
CA GLY A 222 -10.62 11.83 1.47
C GLY A 222 -12.05 11.59 1.01
N ASP A 223 -12.20 11.30 -0.27
CA ASP A 223 -13.46 10.83 -0.79
C ASP A 223 -13.51 9.32 -0.65
N PRO A 224 -14.51 8.76 0.06
CA PRO A 224 -14.48 7.31 0.33
C PRO A 224 -14.40 6.45 -0.91
N GLU A 225 -15.09 6.84 -1.99
CA GLU A 225 -15.13 6.00 -3.18
C GLU A 225 -13.84 6.06 -3.98
N THR A 226 -13.26 7.25 -4.14
CA THR A 226 -12.10 7.42 -5.01
C THR A 226 -10.78 7.50 -4.27
N ASP A 227 -10.79 7.81 -2.97
CA ASP A 227 -9.57 7.93 -2.18
C ASP A 227 -9.33 6.76 -1.24
N ILE A 228 -10.37 6.18 -0.66
CA ILE A 228 -10.22 5.13 0.35
C ILE A 228 -10.44 3.74 -0.25
N ALA A 229 -11.56 3.54 -0.93
CA ALA A 229 -11.89 2.22 -1.46
C ALA A 229 -10.81 1.61 -2.35
N PRO A 230 -10.17 2.34 -3.28
CA PRO A 230 -9.13 1.70 -4.10
C PRO A 230 -7.96 1.18 -3.29
N VAL A 231 -7.70 1.75 -2.11
CA VAL A 231 -6.66 1.20 -1.24
C VAL A 231 -7.13 -0.12 -0.63
N VAL A 232 -8.41 -0.21 -0.28
CA VAL A 232 -8.96 -1.46 0.23
C VAL A 232 -8.99 -2.51 -0.87
N VAL A 233 -9.32 -2.10 -2.11
CA VAL A 233 -9.30 -3.04 -3.23
C VAL A 233 -7.90 -3.60 -3.42
N PHE A 234 -6.89 -2.74 -3.34
CA PHE A 234 -5.50 -3.21 -3.50
C PHE A 234 -5.14 -4.27 -2.47
N LEU A 235 -5.56 -4.08 -1.22
CA LEU A 235 -5.23 -5.06 -0.19
C LEU A 235 -6.03 -6.34 -0.31
N ALA A 236 -7.27 -6.24 -0.82
CA ALA A 236 -8.09 -7.43 -1.04
C ALA A 236 -7.68 -8.20 -2.29
N SER A 237 -6.92 -7.58 -3.18
CA SER A 237 -6.61 -8.16 -4.48
C SER A 237 -5.28 -8.93 -4.44
N ASP A 238 -5.01 -9.64 -5.53
CA ASP A 238 -3.76 -10.38 -5.66
C ASP A 238 -2.56 -9.48 -5.92
N ASP A 239 -2.77 -8.18 -6.13
CA ASP A 239 -1.65 -7.27 -6.30
C ASP A 239 -0.82 -7.14 -5.03
N SER A 240 -1.45 -7.31 -3.87
CA SER A 240 -0.76 -7.22 -2.58
C SER A 240 -0.48 -8.59 -1.98
N LYS A 241 -0.37 -9.63 -2.83
CA LYS A 241 -0.24 -11.00 -2.31
C LYS A 241 1.08 -11.25 -1.59
N TYR A 242 2.00 -10.29 -1.59
CA TYR A 242 3.26 -10.40 -0.85
C TYR A 242 3.34 -9.39 0.30
N MET A 243 2.19 -8.84 0.71
CA MET A 243 2.11 -7.83 1.75
C MET A 243 1.17 -8.32 2.84
N THR A 244 1.67 -8.40 4.08
CA THR A 244 0.83 -8.82 5.19
C THR A 244 1.38 -8.23 6.48
N GLY A 245 0.47 -7.92 7.41
CA GLY A 245 0.86 -7.32 8.67
C GLY A 245 1.16 -5.84 8.61
N GLN A 246 0.73 -5.15 7.56
CA GLN A 246 1.08 -3.76 7.35
C GLN A 246 -0.09 -2.83 7.68
N THR A 247 0.23 -1.55 7.77
CA THR A 247 -0.75 -0.48 7.95
C THR A 247 -0.60 0.49 6.80
N LEU A 248 -1.66 0.65 6.01
CA LEU A 248 -1.64 1.56 4.86
C LEU A 248 -2.33 2.86 5.23
N MET A 249 -1.66 3.97 4.95
CA MET A 249 -2.07 5.31 5.36
C MET A 249 -2.82 5.94 4.19
N ALA A 250 -4.14 5.96 4.27
CA ALA A 250 -4.99 6.61 3.26
C ALA A 250 -5.52 7.92 3.85
N ASP A 251 -4.59 8.85 4.06
CA ASP A 251 -4.89 10.06 4.82
C ASP A 251 -4.31 11.31 4.18
N GLY A 252 -3.99 11.27 2.88
CA GLY A 252 -3.42 12.43 2.22
C GLY A 252 -2.00 12.76 2.60
N GLY A 253 -1.30 11.85 3.27
CA GLY A 253 0.05 12.09 3.72
C GLY A 253 0.18 12.68 5.10
N SER A 254 -0.89 12.69 5.90
CA SER A 254 -0.87 13.36 7.20
C SER A 254 0.15 12.72 8.14
N ILE A 255 0.09 11.41 8.28
CA ILE A 255 1.03 10.67 9.12
C ILE A 255 1.83 9.72 8.24
N LYS A 256 3.15 9.78 8.35
CA LYS A 256 4.06 8.97 7.54
C LYS A 256 4.74 7.95 8.44
N LEU A 257 4.50 6.67 8.16
CA LEU A 257 5.07 5.60 8.95
C LEU A 257 6.55 5.41 8.61
N ARG A 258 7.34 5.07 9.62
CA ARG A 258 8.77 4.89 9.44
C ARG A 258 9.20 3.48 9.86
N MET B 9 -3.86 -0.89 -19.13
CA MET B 9 -5.13 -0.40 -18.58
C MET B 9 -4.93 0.54 -17.38
N LYS B 10 -4.10 0.13 -16.44
CA LYS B 10 -3.99 0.89 -15.19
C LYS B 10 -3.16 2.14 -15.33
N LEU B 11 -2.16 2.13 -16.21
CA LEU B 11 -1.29 3.28 -16.45
C LEU B 11 -1.39 3.74 -17.90
N ARG B 12 -2.56 3.54 -18.51
CA ARG B 12 -2.77 3.92 -19.90
C ARG B 12 -2.56 5.43 -20.08
N GLY B 13 -1.72 5.78 -21.05
CA GLY B 13 -1.42 7.17 -21.32
C GLY B 13 -0.33 7.78 -20.48
N LYS B 14 0.26 7.02 -19.55
CA LYS B 14 1.28 7.54 -18.65
C LYS B 14 2.67 7.21 -19.18
N THR B 15 3.60 8.13 -18.99
CA THR B 15 5.00 7.89 -19.29
C THR B 15 5.76 7.67 -17.99
N ALA B 16 6.61 6.65 -17.96
CA ALA B 16 7.37 6.28 -16.77
C ALA B 16 8.86 6.29 -17.07
N VAL B 17 9.64 6.75 -16.10
CA VAL B 17 11.10 6.63 -16.11
C VAL B 17 11.46 5.61 -15.04
N VAL B 18 12.21 4.58 -15.42
CA VAL B 18 12.59 3.49 -14.52
C VAL B 18 14.09 3.31 -14.62
N THR B 19 14.81 3.60 -13.55
CA THR B 19 16.25 3.40 -13.51
C THR B 19 16.59 2.00 -13.05
N GLY B 20 17.69 1.46 -13.55
CA GLY B 20 17.99 0.06 -13.35
C GLY B 20 16.93 -0.84 -13.95
N GLY B 21 16.32 -0.42 -15.07
CA GLY B 21 15.16 -1.10 -15.60
C GLY B 21 15.43 -2.31 -16.48
N ALA B 22 16.68 -2.73 -16.63
CA ALA B 22 17.00 -3.84 -17.51
C ALA B 22 17.17 -5.16 -16.77
N GLY B 23 17.20 -5.15 -15.44
CA GLY B 23 17.40 -6.39 -14.70
C GLY B 23 16.69 -6.33 -13.36
N GLY B 24 16.43 -7.51 -12.82
CA GLY B 24 15.87 -7.64 -11.49
C GLY B 24 14.53 -6.97 -11.35
N ILE B 25 14.33 -6.27 -10.23
CA ILE B 25 13.05 -5.63 -9.94
C ILE B 25 12.75 -4.55 -10.98
N GLY B 26 13.76 -3.79 -11.38
CA GLY B 26 13.55 -2.76 -12.38
C GLY B 26 13.03 -3.31 -13.69
N ARG B 27 13.50 -4.49 -14.09
CA ARG B 27 12.99 -5.12 -15.30
C ARG B 27 11.54 -5.55 -15.13
N ALA B 28 11.20 -6.08 -13.96
CA ALA B 28 9.81 -6.47 -13.70
C ALA B 28 8.89 -5.27 -13.71
N VAL B 29 9.34 -4.15 -13.12
CA VAL B 29 8.54 -2.93 -13.15
C VAL B 29 8.35 -2.47 -14.59
N THR B 30 9.43 -2.47 -15.39
CA THR B 30 9.33 -2.06 -16.78
C THR B 30 8.37 -2.94 -17.55
N ARG B 31 8.54 -4.26 -17.45
CA ARG B 31 7.61 -5.18 -18.09
C ARG B 31 6.17 -4.88 -17.66
N VAL B 32 5.90 -4.94 -16.35
CA VAL B 32 4.53 -4.81 -15.87
C VAL B 32 3.96 -3.43 -16.19
N PHE B 33 4.78 -2.39 -16.13
CA PHE B 33 4.31 -1.05 -16.50
C PHE B 33 3.80 -1.03 -17.94
N VAL B 34 4.54 -1.65 -18.86
CA VAL B 34 4.13 -1.68 -20.26
C VAL B 34 2.87 -2.51 -20.43
N ARG B 35 2.74 -3.62 -19.69
CA ARG B 35 1.51 -4.40 -19.73
C ARG B 35 0.31 -3.60 -19.23
N GLU B 36 0.53 -2.65 -18.33
CA GLU B 36 -0.55 -1.80 -17.85
C GLU B 36 -0.78 -0.57 -18.74
N GLY B 37 -0.14 -0.51 -19.90
CA GLY B 37 -0.41 0.53 -20.87
C GLY B 37 0.49 1.74 -20.81
N ALA B 38 1.52 1.74 -19.97
CA ALA B 38 2.40 2.89 -19.84
C ALA B 38 3.51 2.84 -20.88
N ARG B 39 4.09 4.02 -21.13
N ARG B 39 4.07 4.02 -21.14
CA ARG B 39 5.25 4.17 -21.99
CA ARG B 39 5.25 4.17 -21.98
C ARG B 39 6.48 4.34 -21.10
C ARG B 39 6.45 4.32 -21.07
N VAL B 40 7.44 3.43 -21.23
CA VAL B 40 8.57 3.36 -20.30
C VAL B 40 9.87 3.70 -21.02
N LEU B 41 10.55 4.74 -20.54
CA LEU B 41 11.98 4.89 -20.77
C LEU B 41 12.68 4.28 -19.57
N PHE B 42 13.39 3.17 -19.79
CA PHE B 42 14.12 2.50 -18.74
C PHE B 42 15.62 2.66 -18.95
N VAL B 43 16.35 2.89 -17.86
CA VAL B 43 17.75 3.26 -17.89
C VAL B 43 18.56 2.16 -17.20
N ASP B 44 19.72 1.85 -17.75
CA ASP B 44 20.58 0.82 -17.18
C ASP B 44 21.96 0.90 -17.83
N VAL B 45 22.96 0.40 -17.10
CA VAL B 45 24.29 0.22 -17.67
C VAL B 45 24.40 -1.09 -18.43
N ASP B 46 23.48 -2.03 -18.20
CA ASP B 46 23.51 -3.35 -18.82
C ASP B 46 22.79 -3.26 -20.17
N ASP B 47 23.55 -2.85 -21.19
CA ASP B 47 22.95 -2.62 -22.50
C ASP B 47 22.59 -3.92 -23.21
N ASP B 48 23.20 -5.04 -22.85
CA ASP B 48 22.81 -6.33 -23.42
C ASP B 48 21.39 -6.69 -23.02
N ARG B 49 21.11 -6.75 -21.72
CA ARG B 49 19.74 -6.98 -21.25
C ARG B 49 18.84 -5.81 -21.65
N GLY B 50 19.38 -4.59 -21.68
CA GLY B 50 18.55 -3.44 -21.97
C GLY B 50 18.02 -3.45 -23.40
N ARG B 51 18.86 -3.82 -24.37
CA ARG B 51 18.42 -3.85 -25.75
C ARG B 51 17.43 -4.98 -26.00
N ALA B 52 17.66 -6.14 -25.38
CA ALA B 52 16.75 -7.26 -25.56
C ALA B 52 15.39 -6.97 -24.93
N LEU B 53 15.38 -6.26 -23.80
CA LEU B 53 14.11 -5.91 -23.16
C LEU B 53 13.32 -4.94 -24.03
N GLU B 54 13.99 -3.93 -24.60
CA GLU B 54 13.31 -3.01 -25.50
C GLU B 54 12.76 -3.73 -26.72
N SER B 55 13.54 -4.67 -27.28
CA SER B 55 13.07 -5.44 -28.42
C SER B 55 11.87 -6.30 -28.06
N GLU B 56 11.90 -6.91 -26.87
CA GLU B 56 10.79 -7.76 -26.44
C GLU B 56 9.51 -6.95 -26.23
N LEU B 57 9.64 -5.75 -25.65
CA LEU B 57 8.46 -4.97 -25.31
C LEU B 57 7.83 -4.34 -26.55
N THR B 58 8.65 -3.74 -27.43
CA THR B 58 8.11 -3.21 -28.67
C THR B 58 7.57 -4.32 -29.56
N GLY B 59 8.16 -5.51 -29.49
CA GLY B 59 7.67 -6.62 -30.29
C GLY B 59 6.30 -7.11 -29.87
N ALA B 60 5.97 -6.96 -28.60
CA ALA B 60 4.66 -7.35 -28.08
C ALA B 60 3.63 -6.23 -28.20
N GLY B 61 3.93 -5.18 -28.96
CA GLY B 61 3.00 -4.08 -29.14
C GLY B 61 3.11 -2.96 -28.14
N GLY B 62 4.11 -2.99 -27.25
CA GLY B 62 4.27 -1.95 -26.26
C GLY B 62 5.18 -0.83 -26.73
N GLU B 63 5.24 0.22 -25.92
CA GLU B 63 6.08 1.39 -26.20
C GLU B 63 7.12 1.51 -25.08
N ALA B 64 8.37 1.21 -25.41
CA ALA B 64 9.46 1.24 -24.44
C ALA B 64 10.74 1.67 -25.15
N LYS B 65 11.58 2.39 -24.41
CA LYS B 65 12.85 2.90 -24.93
C LYS B 65 13.95 2.64 -23.92
N PHE B 66 15.02 1.99 -24.36
CA PHE B 66 16.17 1.74 -23.50
C PHE B 66 17.18 2.88 -23.62
N LEU B 67 17.63 3.40 -22.47
CA LEU B 67 18.69 4.40 -22.42
C LEU B 67 19.85 3.82 -21.63
N GLN B 68 21.00 3.71 -22.28
CA GLN B 68 22.22 3.23 -21.62
C GLN B 68 22.90 4.40 -20.93
N ALA B 69 22.92 4.37 -19.60
CA ALA B 69 23.50 5.47 -18.83
C ALA B 69 23.87 4.99 -17.45
N ASP B 70 24.98 5.53 -16.93
CA ASP B 70 25.39 5.33 -15.53
C ASP B 70 24.78 6.48 -14.74
N ILE B 71 23.72 6.20 -13.98
CA ILE B 71 22.97 7.26 -13.33
C ILE B 71 23.75 7.93 -12.20
N SER B 72 24.92 7.40 -11.85
CA SER B 72 25.80 8.07 -10.89
C SER B 72 26.56 9.23 -11.52
N ARG B 73 26.52 9.38 -12.84
CA ARG B 73 27.20 10.48 -13.50
C ARG B 73 26.35 11.74 -13.39
N ARG B 74 27.00 12.88 -13.20
CA ARG B 74 26.28 14.07 -12.76
C ARG B 74 25.40 14.68 -13.85
N GLU B 75 25.61 14.37 -15.13
CA GLU B 75 24.73 14.87 -16.19
C GLU B 75 23.62 13.89 -16.55
N SER B 76 23.64 12.68 -16.00
CA SER B 76 22.71 11.66 -16.46
C SER B 76 21.27 12.05 -16.16
N ALA B 77 21.04 12.79 -15.09
CA ALA B 77 19.67 13.19 -14.75
C ALA B 77 19.04 14.00 -15.87
N ASP B 78 19.76 14.99 -16.40
CA ASP B 78 19.21 15.77 -17.50
C ASP B 78 19.13 14.95 -18.79
N GLN B 79 20.12 14.09 -19.02
CA GLN B 79 20.10 13.21 -20.18
C GLN B 79 18.90 12.26 -20.13
N ILE B 80 18.57 11.75 -18.94
CA ILE B 80 17.43 10.86 -18.80
C ILE B 80 16.12 11.64 -19.01
N ARG B 81 16.01 12.80 -18.36
CA ARG B 81 14.80 13.61 -18.51
C ARG B 81 14.58 14.01 -19.96
N ASP B 82 15.65 14.44 -20.65
CA ASP B 82 15.52 14.83 -22.05
C ASP B 82 15.14 13.65 -22.93
N ALA B 83 15.68 12.47 -22.63
CA ALA B 83 15.37 11.30 -23.45
C ALA B 83 13.92 10.88 -23.29
N ALA B 84 13.40 10.94 -22.06
CA ALA B 84 12.00 10.57 -21.83
C ALA B 84 11.05 11.52 -22.53
N VAL B 85 11.31 12.83 -22.43
CA VAL B 85 10.46 13.81 -23.10
C VAL B 85 10.58 13.68 -24.61
N ALA B 86 11.78 13.43 -25.12
CA ALA B 86 11.97 13.31 -26.56
C ALA B 86 11.24 12.11 -27.13
N ALA B 87 11.17 11.01 -26.37
CA ALA B 87 10.55 9.78 -26.84
C ALA B 87 9.04 9.77 -26.63
N PHE B 88 8.56 10.27 -25.47
CA PHE B 88 7.17 10.09 -25.10
C PHE B 88 6.45 11.37 -24.68
N GLY B 89 7.13 12.52 -24.68
CA GLY B 89 6.46 13.81 -24.56
C GLY B 89 6.29 14.33 -23.16
N GLY B 90 6.51 13.51 -22.13
CA GLY B 90 6.34 13.98 -20.77
C GLY B 90 6.82 12.92 -19.81
N ILE B 91 6.63 13.20 -18.52
CA ILE B 91 6.99 12.26 -17.45
C ILE B 91 5.89 12.29 -16.41
N ASP B 92 5.11 11.20 -16.33
CA ASP B 92 4.08 11.06 -15.32
C ASP B 92 4.54 10.27 -14.10
N ILE B 93 5.49 9.35 -14.26
CA ILE B 93 5.93 8.45 -13.20
C ILE B 93 7.45 8.41 -13.21
N LEU B 94 8.05 8.48 -12.02
CA LEU B 94 9.49 8.33 -11.85
C LEU B 94 9.74 7.22 -10.84
N VAL B 95 10.44 6.17 -11.26
CA VAL B 95 10.76 5.04 -10.40
C VAL B 95 12.27 5.01 -10.21
N ASN B 96 12.74 5.41 -9.03
CA ASN B 96 14.18 5.42 -8.73
C ASN B 96 14.52 4.08 -8.10
N ASN B 97 14.85 3.11 -8.95
CA ASN B 97 15.03 1.72 -8.55
C ASN B 97 16.48 1.29 -8.46
N ALA B 98 17.38 1.89 -9.24
CA ALA B 98 18.76 1.43 -9.26
C ALA B 98 19.47 1.80 -7.97
N HIS B 99 20.33 0.89 -7.50
CA HIS B 99 21.15 1.07 -6.32
C HIS B 99 22.19 -0.04 -6.24
N ALA B 100 23.46 0.33 -6.15
CA ALA B 100 24.53 -0.64 -5.96
C ALA B 100 25.24 -0.35 -4.65
N SER B 101 25.74 -1.40 -4.00
CA SER B 101 26.37 -1.23 -2.70
C SER B 101 27.31 -2.40 -2.43
N ARG B 102 28.14 -2.23 -1.41
CA ARG B 102 29.02 -3.28 -0.91
C ARG B 102 28.75 -3.46 0.58
N GLN B 103 28.89 -4.70 1.04
CA GLN B 103 28.63 -5.07 2.42
C GLN B 103 29.94 -5.29 3.16
N ALA B 104 30.01 -4.74 4.38
CA ALA B 104 31.19 -4.86 5.23
C ALA B 104 30.87 -4.29 6.60
N LEU B 105 31.62 -4.71 7.61
CA LEU B 105 31.44 -4.18 8.95
C LEU B 105 31.74 -2.69 8.98
N LEU B 106 31.19 -2.00 9.97
CA LEU B 106 31.44 -0.57 10.11
C LEU B 106 32.93 -0.30 10.28
N VAL B 107 33.62 -1.12 11.07
CA VAL B 107 35.06 -0.98 11.24
C VAL B 107 35.84 -1.31 9.98
N GLU B 108 35.19 -1.87 8.96
CA GLU B 108 35.84 -2.21 7.70
C GLU B 108 35.43 -1.27 6.56
N HIS B 109 34.69 -0.20 6.85
CA HIS B 109 34.15 0.63 5.79
C HIS B 109 35.15 1.67 5.32
N THR B 110 35.21 1.83 4.00
CA THR B 110 36.08 2.76 3.29
C THR B 110 35.24 3.81 2.58
N PRO B 111 35.82 4.97 2.26
CA PRO B 111 35.05 6.01 1.56
C PRO B 111 34.48 5.54 0.23
N GLU B 112 35.15 4.62 -0.46
CA GLU B 112 34.62 4.14 -1.74
C GLU B 112 33.31 3.38 -1.56
N MET B 113 33.12 2.73 -0.41
CA MET B 113 31.85 2.07 -0.15
C MET B 113 30.73 3.08 -0.01
N PHE B 114 30.96 4.17 0.72
CA PHE B 114 29.96 5.22 0.83
C PHE B 114 29.73 5.90 -0.51
N GLU B 115 30.80 6.07 -1.29
CA GLU B 115 30.67 6.73 -2.61
C GLU B 115 29.80 5.91 -3.54
N LEU B 116 29.98 4.59 -3.55
CA LEU B 116 29.18 3.72 -4.41
C LEU B 116 27.70 3.75 -4.01
N SER B 117 27.43 3.57 -2.72
CA SER B 117 26.04 3.49 -2.26
C SER B 117 25.31 4.82 -2.45
N PHE B 118 25.86 5.90 -1.92
CA PHE B 118 25.24 7.21 -2.10
C PHE B 118 25.22 7.61 -3.57
N GLY B 119 26.30 7.30 -4.30
CA GLY B 119 26.42 7.76 -5.67
C GLY B 119 25.50 7.07 -6.65
N THR B 120 25.13 5.83 -6.39
CA THR B 120 24.22 5.10 -7.26
C THR B 120 22.79 5.08 -6.76
N GLY B 121 22.57 5.16 -5.45
CA GLY B 121 21.23 5.08 -4.91
C GLY B 121 20.63 6.43 -4.53
N PHE B 122 21.31 7.15 -3.63
CA PHE B 122 20.72 8.35 -3.04
C PHE B 122 20.78 9.54 -3.97
N TYR B 123 21.98 9.91 -4.43
CA TYR B 123 22.11 11.13 -5.23
C TYR B 123 21.39 11.06 -6.57
N PRO B 124 21.35 9.94 -7.29
CA PRO B 124 20.48 9.88 -8.47
C PRO B 124 19.00 10.06 -8.13
N THR B 125 18.58 9.60 -6.96
CA THR B 125 17.19 9.82 -6.55
C THR B 125 16.88 11.30 -6.40
N VAL B 126 17.78 12.03 -5.76
CA VAL B 126 17.61 13.48 -5.60
C VAL B 126 17.63 14.17 -6.95
N HIS B 127 18.66 13.88 -7.75
CA HIS B 127 18.86 14.61 -9.00
C HIS B 127 17.78 14.31 -10.02
N LEU B 128 17.35 13.06 -10.11
CA LEU B 128 16.27 12.74 -11.04
C LEU B 128 14.95 13.36 -10.57
N MET B 129 14.75 13.45 -9.26
CA MET B 129 13.56 14.13 -8.76
C MET B 129 13.59 15.61 -9.11
N GLN B 130 14.76 16.25 -8.98
CA GLN B 130 14.89 17.65 -9.36
C GLN B 130 14.71 17.83 -10.86
N ALA B 131 15.33 16.96 -11.67
CA ALA B 131 15.28 17.14 -13.11
C ALA B 131 13.89 16.93 -13.66
N CYS B 132 13.16 15.95 -13.13
CA CYS B 132 11.84 15.59 -13.62
C CYS B 132 10.72 16.39 -12.99
N TYR B 133 11.04 17.25 -12.01
CA TYR B 133 10.00 17.97 -11.27
C TYR B 133 9.09 18.80 -12.18
N PRO B 134 9.59 19.56 -13.16
CA PRO B 134 8.65 20.28 -14.04
C PRO B 134 7.71 19.35 -14.79
N GLN B 135 8.19 18.18 -15.21
CA GLN B 135 7.33 17.23 -15.91
C GLN B 135 6.34 16.57 -14.97
N LEU B 136 6.79 16.24 -13.74
CA LEU B 136 5.88 15.64 -12.77
C LEU B 136 4.84 16.64 -12.28
N LYS B 137 5.21 17.92 -12.20
CA LYS B 137 4.25 18.95 -11.83
C LYS B 137 3.19 19.12 -12.90
N GLN B 138 3.62 19.18 -14.16
CA GLN B 138 2.67 19.20 -15.27
C GLN B 138 1.73 18.00 -15.22
N ALA B 139 2.26 16.83 -14.87
CA ALA B 139 1.48 15.61 -14.90
C ALA B 139 0.72 15.34 -13.61
N ARG B 140 0.99 16.08 -12.54
CA ARG B 140 0.53 15.73 -11.19
C ARG B 140 0.89 14.28 -10.89
N GLY B 141 2.17 13.98 -11.06
CA GLY B 141 2.64 12.61 -11.18
C GLY B 141 2.95 11.93 -9.87
N SER B 142 3.71 10.83 -9.97
CA SER B 142 3.99 9.95 -8.86
C SER B 142 5.44 9.51 -8.90
N VAL B 143 6.10 9.55 -7.74
CA VAL B 143 7.49 9.13 -7.61
C VAL B 143 7.53 7.92 -6.69
N VAL B 144 8.21 6.86 -7.14
CA VAL B 144 8.36 5.63 -6.35
C VAL B 144 9.84 5.42 -6.14
N ASN B 145 10.30 5.60 -4.90
CA ASN B 145 11.68 5.35 -4.53
C ASN B 145 11.78 4.02 -3.79
N PHE B 146 13.02 3.55 -3.60
CA PHE B 146 13.25 2.21 -3.09
C PHE B 146 14.11 2.24 -1.84
N GLY B 147 13.60 1.59 -0.78
CA GLY B 147 14.35 1.37 0.43
C GLY B 147 14.69 -0.09 0.63
N SER B 148 14.98 -0.45 1.89
CA SER B 148 15.30 -1.83 2.19
C SER B 148 14.95 -2.14 3.64
N GLY B 149 14.46 -3.36 3.86
CA GLY B 149 14.16 -3.80 5.22
C GLY B 149 15.40 -3.96 6.07
N SER B 150 16.52 -4.36 5.45
CA SER B 150 17.78 -4.50 6.19
C SER B 150 18.23 -3.16 6.77
N ALA B 151 17.91 -2.05 6.08
CA ALA B 151 18.23 -0.73 6.62
C ALA B 151 17.34 -0.38 7.79
N LEU B 152 16.13 -0.95 7.82
CA LEU B 152 15.19 -0.68 8.91
C LEU B 152 15.68 -1.30 10.21
N ASP B 153 16.13 -2.56 10.15
CA ASP B 153 16.62 -3.23 11.35
C ASP B 153 18.03 -2.77 11.72
N GLY B 154 18.84 -2.40 10.73
CA GLY B 154 20.25 -2.14 10.98
C GLY B 154 21.04 -3.44 10.91
N MET B 155 20.80 -4.22 9.86
CA MET B 155 21.44 -5.53 9.75
C MET B 155 22.95 -5.37 9.60
N PRO B 156 23.74 -6.18 10.29
CA PRO B 156 25.20 -6.06 10.19
C PRO B 156 25.68 -6.10 8.75
N THR B 157 26.83 -5.45 8.51
CA THR B 157 27.53 -5.26 7.24
C THR B 157 26.86 -4.19 6.35
N GLN B 158 25.77 -3.57 6.78
CA GLN B 158 24.99 -2.69 5.90
C GLN B 158 25.17 -1.21 6.21
N THR B 159 26.33 -0.81 6.73
CA THR B 159 26.55 0.59 7.11
C THR B 159 26.27 1.55 5.94
N SER B 160 26.94 1.32 4.80
CA SER B 160 26.81 2.24 3.68
C SER B 160 25.52 2.01 2.90
N TYR B 161 25.05 0.77 2.82
CA TYR B 161 23.78 0.49 2.15
C TYR B 161 22.62 1.12 2.92
N ALA B 162 22.58 0.90 4.24
CA ALA B 162 21.49 1.43 5.05
C ALA B 162 21.50 2.95 5.10
N ALA B 163 22.69 3.54 5.19
CA ALA B 163 22.80 5.01 5.27
C ALA B 163 22.17 5.67 4.05
N ALA B 164 22.46 5.15 2.85
CA ALA B 164 21.88 5.72 1.64
C ALA B 164 20.39 5.44 1.56
N LYS B 165 19.97 4.23 1.96
CA LYS B 165 18.56 3.88 1.89
C LYS B 165 17.72 4.76 2.80
N GLU B 166 18.18 4.98 4.04
CA GLU B 166 17.42 5.83 4.95
C GLU B 166 17.49 7.29 4.54
N ALA B 167 18.58 7.70 3.91
CA ALA B 167 18.63 9.04 3.32
C ALA B 167 17.63 9.18 2.19
N ILE B 168 17.44 8.11 1.40
CA ILE B 168 16.42 8.12 0.36
C ILE B 168 15.04 8.30 0.97
N ARG B 169 14.74 7.55 2.03
CA ARG B 169 13.43 7.64 2.65
C ARG B 169 13.20 9.01 3.27
N ALA B 170 14.26 9.63 3.81
CA ALA B 170 14.14 10.96 4.37
C ALA B 170 13.73 11.99 3.31
N VAL B 171 14.46 12.04 2.19
CA VAL B 171 14.14 13.01 1.17
C VAL B 171 12.79 12.70 0.53
N SER B 172 12.40 11.42 0.50
CA SER B 172 11.08 11.08 -0.01
C SER B 172 9.99 11.73 0.84
N ARG B 173 10.17 11.76 2.17
CA ARG B 173 9.15 12.37 3.02
C ARG B 173 9.19 13.90 2.91
N VAL B 174 10.39 14.47 2.78
CA VAL B 174 10.49 15.92 2.60
C VAL B 174 9.79 16.35 1.31
N ALA B 175 10.08 15.66 0.21
CA ALA B 175 9.48 16.02 -1.07
C ALA B 175 7.99 15.77 -1.08
N ALA B 176 7.54 14.71 -0.41
CA ALA B 176 6.11 14.46 -0.29
C ALA B 176 5.40 15.65 0.34
N ASN B 177 6.00 16.23 1.39
CA ASN B 177 5.42 17.41 2.01
C ASN B 177 5.56 18.63 1.10
N GLU B 178 6.72 18.80 0.47
CA GLU B 178 6.95 19.98 -0.37
C GLU B 178 6.14 19.95 -1.65
N TRP B 179 5.92 18.76 -2.22
CA TRP B 179 5.33 18.64 -3.55
C TRP B 179 3.84 18.31 -3.52
N ALA B 180 3.27 18.06 -2.34
CA ALA B 180 1.86 17.68 -2.26
C ALA B 180 0.96 18.80 -2.78
N ALA B 181 1.36 20.06 -2.62
CA ALA B 181 0.58 21.16 -3.16
C ALA B 181 0.52 21.12 -4.68
N ASP B 182 1.55 20.58 -5.32
CA ASP B 182 1.57 20.40 -6.76
C ASP B 182 0.82 19.15 -7.22
N GLY B 183 0.36 18.31 -6.29
CA GLY B 183 -0.28 17.06 -6.65
C GLY B 183 0.67 15.93 -6.98
N ILE B 184 1.97 16.09 -6.71
CA ILE B 184 2.94 15.03 -6.94
C ILE B 184 3.10 14.22 -5.66
N ARG B 185 2.82 12.93 -5.75
CA ARG B 185 2.98 12.03 -4.61
C ARG B 185 4.35 11.35 -4.67
N VAL B 186 4.91 11.06 -3.50
CA VAL B 186 6.22 10.45 -3.37
C VAL B 186 6.12 9.35 -2.31
N ASN B 187 6.42 8.12 -2.69
CA ASN B 187 6.31 6.97 -1.79
C ASN B 187 7.49 6.04 -2.00
N VAL B 188 7.68 5.15 -1.03
CA VAL B 188 8.82 4.23 -0.99
C VAL B 188 8.28 2.79 -1.00
N VAL B 189 9.00 1.90 -1.68
CA VAL B 189 8.78 0.47 -1.60
C VAL B 189 10.03 -0.16 -0.97
N CYS B 190 9.81 -1.06 -0.02
CA CYS B 190 10.89 -1.89 0.52
C CYS B 190 10.65 -3.32 0.08
N PRO B 191 11.38 -3.83 -0.92
CA PRO B 191 11.07 -5.16 -1.46
C PRO B 191 11.99 -6.25 -0.93
N PHE B 192 11.59 -7.50 -1.15
CA PHE B 192 12.46 -8.66 -0.97
C PHE B 192 12.17 -9.58 -2.14
N ALA B 193 13.13 -9.74 -3.05
CA ALA B 193 12.84 -10.44 -4.30
C ALA B 193 14.07 -11.18 -4.80
N ALA B 194 13.81 -12.28 -5.51
CA ALA B 194 14.86 -13.10 -6.11
C ALA B 194 15.41 -12.39 -7.34
N THR B 195 16.54 -11.71 -7.17
CA THR B 195 17.21 -10.98 -8.24
C THR B 195 18.68 -11.40 -8.30
N GLU B 196 19.38 -10.89 -9.30
CA GLU B 196 20.81 -11.19 -9.42
C GLU B 196 21.61 -10.57 -8.29
N GLY B 197 21.23 -9.38 -7.85
CA GLY B 197 21.90 -8.77 -6.71
C GLY B 197 21.70 -9.56 -5.43
N VAL B 198 20.51 -10.15 -5.26
CA VAL B 198 20.27 -11.01 -4.11
C VAL B 198 21.06 -12.30 -4.24
N GLN B 199 21.17 -12.84 -5.46
CA GLN B 199 21.92 -14.06 -5.68
C GLN B 199 23.40 -13.88 -5.33
N ALA B 200 23.99 -12.76 -5.76
CA ALA B 200 25.37 -12.48 -5.40
C ALA B 200 25.55 -12.32 -3.90
N TRP B 201 24.54 -11.75 -3.22
CA TRP B 201 24.61 -11.61 -1.77
C TRP B 201 24.43 -12.96 -1.09
N GLN B 202 23.61 -13.85 -1.66
CA GLN B 202 23.42 -15.18 -1.11
C GLN B 202 24.73 -15.96 -1.10
N GLN B 203 25.54 -15.80 -2.16
CA GLN B 203 26.80 -16.52 -2.25
C GLN B 203 27.83 -15.97 -1.27
N ALA B 204 27.89 -14.65 -1.14
CA ALA B 204 28.87 -14.03 -0.25
C ALA B 204 28.50 -14.19 1.22
N PHE B 205 27.20 -14.29 1.53
CA PHE B 205 26.73 -14.40 2.90
C PHE B 205 25.63 -15.44 2.96
N PRO B 206 26.00 -16.73 2.98
CA PRO B 206 24.96 -17.78 2.91
C PRO B 206 24.13 -17.91 4.17
N ASP B 207 24.74 -17.84 5.35
CA ASP B 207 23.98 -18.03 6.59
C ASP B 207 23.01 -16.89 6.84
N ARG B 208 23.46 -15.64 6.61
CA ARG B 208 22.56 -14.50 6.78
C ARG B 208 21.43 -14.54 5.76
N ALA B 209 21.73 -14.95 4.52
CA ALA B 209 20.69 -15.04 3.51
C ALA B 209 19.69 -16.15 3.84
N ALA B 210 20.18 -17.28 4.32
CA ALA B 210 19.28 -18.35 4.77
C ALA B 210 18.41 -17.87 5.91
N ALA B 211 18.96 -17.07 6.83
CA ALA B 211 18.19 -16.54 7.94
C ALA B 211 17.13 -15.55 7.45
N ALA B 212 17.47 -14.73 6.45
CA ALA B 212 16.50 -13.81 5.89
C ALA B 212 15.38 -14.54 5.18
N ALA B 213 15.71 -15.63 4.48
CA ALA B 213 14.68 -16.43 3.80
C ALA B 213 13.75 -17.10 4.80
N ALA B 214 14.31 -17.60 5.90
CA ALA B 214 13.50 -18.31 6.89
C ALA B 214 12.62 -17.36 7.71
N LYS B 215 12.94 -16.07 7.73
CA LYS B 215 12.17 -15.11 8.51
C LYS B 215 10.84 -14.73 7.86
N VAL B 216 10.72 -14.87 6.54
CA VAL B 216 9.54 -14.39 5.81
C VAL B 216 8.30 -15.16 6.26
N PRO B 217 7.33 -14.49 6.89
CA PRO B 217 6.09 -15.19 7.28
C PRO B 217 5.41 -15.89 6.12
N LEU B 218 5.32 -15.24 4.96
CA LEU B 218 4.70 -15.86 3.79
C LEU B 218 5.57 -16.93 3.13
N GLN B 219 6.78 -17.16 3.64
CA GLN B 219 7.56 -18.36 3.34
C GLN B 219 8.03 -18.41 1.89
N ARG B 220 8.40 -17.26 1.34
CA ARG B 220 9.00 -17.22 0.01
C ARG B 220 9.72 -15.89 -0.17
N ILE B 221 10.76 -15.91 -0.99
CA ILE B 221 11.35 -14.67 -1.47
C ILE B 221 10.52 -14.18 -2.65
N GLY B 222 10.32 -12.88 -2.74
CA GLY B 222 9.34 -12.36 -3.68
C GLY B 222 9.73 -12.59 -5.13
N ASP B 223 8.75 -12.93 -5.94
CA ASP B 223 8.93 -12.91 -7.39
C ASP B 223 8.84 -11.48 -7.87
N PRO B 224 9.86 -10.96 -8.58
CA PRO B 224 9.82 -9.54 -8.95
C PRO B 224 8.58 -9.12 -9.72
N GLU B 225 8.10 -9.96 -10.63
CA GLU B 225 6.99 -9.55 -11.49
C GLU B 225 5.64 -9.65 -10.78
N THR B 226 5.42 -10.73 -10.02
CA THR B 226 4.10 -10.95 -9.42
C THR B 226 3.99 -10.48 -7.98
N ASP B 227 5.10 -10.34 -7.26
CA ASP B 227 5.08 -9.94 -5.86
C ASP B 227 5.47 -8.48 -5.65
N ILE B 228 6.41 -7.96 -6.43
CA ILE B 228 6.96 -6.63 -6.21
C ILE B 228 6.34 -5.61 -7.15
N ALA B 229 6.36 -5.88 -8.46
CA ALA B 229 5.91 -4.89 -9.43
C ALA B 229 4.48 -4.42 -9.24
N PRO B 230 3.49 -5.28 -8.93
CA PRO B 230 2.13 -4.76 -8.72
C PRO B 230 2.02 -3.76 -7.58
N VAL B 231 2.93 -3.82 -6.60
CA VAL B 231 2.95 -2.82 -5.54
C VAL B 231 3.43 -1.49 -6.09
N VAL B 232 4.42 -1.51 -7.00
CA VAL B 232 4.88 -0.30 -7.64
C VAL B 232 3.80 0.28 -8.55
N VAL B 233 3.05 -0.58 -9.24
CA VAL B 233 1.95 -0.10 -10.08
C VAL B 233 0.90 0.60 -9.24
N PHE B 234 0.56 0.03 -8.08
CA PHE B 234 -0.42 0.65 -7.19
C PHE B 234 0.01 2.07 -6.82
N LEU B 235 1.28 2.24 -6.43
CA LEU B 235 1.75 3.56 -6.03
C LEU B 235 1.83 4.51 -7.22
N ALA B 236 2.17 4.00 -8.41
CA ALA B 236 2.26 4.85 -9.58
C ALA B 236 0.88 5.23 -10.13
N SER B 237 -0.15 4.45 -9.82
CA SER B 237 -1.47 4.63 -10.41
C SER B 237 -2.33 5.54 -9.54
N ASP B 238 -3.56 5.77 -10.00
CA ASP B 238 -4.51 6.63 -9.28
C ASP B 238 -5.20 5.92 -8.13
N ASP B 239 -5.01 4.60 -7.97
CA ASP B 239 -5.57 3.93 -6.80
C ASP B 239 -4.99 4.47 -5.50
N SER B 240 -3.77 5.01 -5.55
CA SER B 240 -3.10 5.54 -4.37
C SER B 240 -3.03 7.06 -4.37
N LYS B 241 -3.96 7.71 -5.08
CA LYS B 241 -3.94 9.16 -5.24
C LYS B 241 -4.13 9.92 -3.94
N TYR B 242 -4.52 9.24 -2.85
CA TYR B 242 -4.63 9.85 -1.54
C TYR B 242 -3.53 9.39 -0.59
N MET B 243 -2.44 8.86 -1.12
CA MET B 243 -1.36 8.31 -0.31
C MET B 243 -0.04 8.92 -0.77
N THR B 244 0.65 9.59 0.16
CA THR B 244 1.97 10.12 -0.14
C THR B 244 2.82 10.11 1.12
N GLY B 245 4.14 10.12 0.94
CA GLY B 245 5.07 10.09 2.05
C GLY B 245 5.19 8.77 2.76
N GLN B 246 4.72 7.68 2.16
CA GLN B 246 4.61 6.40 2.86
C GLN B 246 5.70 5.43 2.40
N THR B 247 5.83 4.36 3.17
CA THR B 247 6.74 3.25 2.87
C THR B 247 5.93 1.97 2.84
N LEU B 248 5.95 1.28 1.70
CA LEU B 248 5.19 0.04 1.51
C LEU B 248 6.14 -1.15 1.58
N MET B 249 5.80 -2.11 2.42
CA MET B 249 6.63 -3.30 2.66
C MET B 249 6.17 -4.39 1.70
N ALA B 250 6.99 -4.65 0.67
CA ALA B 250 6.74 -5.79 -0.21
C ALA B 250 7.76 -6.90 0.12
N ASP B 251 7.60 -7.43 1.33
CA ASP B 251 8.61 -8.33 1.91
C ASP B 251 7.99 -9.58 2.52
N GLY B 252 6.77 -9.95 2.13
CA GLY B 252 6.13 -11.12 2.68
C GLY B 252 5.82 -11.04 4.16
N GLY B 253 5.81 -9.84 4.73
CA GLY B 253 5.48 -9.66 6.13
C GLY B 253 6.66 -9.64 7.08
N SER B 254 7.89 -9.62 6.56
CA SER B 254 9.06 -9.72 7.43
C SER B 254 9.13 -8.59 8.44
N ILE B 255 8.92 -7.36 7.99
CA ILE B 255 8.96 -6.18 8.84
C ILE B 255 7.61 -5.47 8.73
N LYS B 256 7.02 -5.17 9.89
CA LYS B 256 5.69 -4.55 9.96
C LYS B 256 5.84 -3.15 10.54
N LEU B 257 5.54 -2.14 9.71
CA LEU B 257 5.64 -0.75 10.16
C LEU B 257 4.46 -0.39 11.06
N ARG B 258 4.76 0.36 12.11
CA ARG B 258 3.75 0.70 13.10
C ARG B 258 3.53 2.21 13.17
C1 MPD C . -10.78 11.67 14.56
C2 MPD C . -11.68 10.93 13.58
O2 MPD C . -11.33 9.52 13.59
CM MPD C . -11.49 11.48 12.17
C3 MPD C . -13.15 11.07 13.98
C4 MPD C . -13.45 10.31 15.26
O4 MPD C . -13.40 11.19 16.37
C5 MPD C . -14.84 9.67 15.21
PA NAD D . -19.36 5.88 9.99
O1A NAD D . -19.71 6.09 11.45
O2A NAD D . -19.50 7.01 9.00
O5B NAD D . -20.16 4.60 9.46
C5B NAD D . -20.12 3.41 10.23
C4B NAD D . -21.09 2.39 9.63
O4B NAD D . -21.01 1.19 10.40
C3B NAD D . -22.52 2.89 9.69
O3B NAD D . -23.17 2.58 8.46
C2B NAD D . -23.14 2.09 10.81
O2B NAD D . -24.52 1.83 10.55
C1B NAD D . -22.31 0.81 10.82
N9A NAD D . -22.28 0.24 12.18
C8A NAD D . -21.93 0.88 13.31
N7A NAD D . -22.01 0.05 14.38
C5A NAD D . -22.45 -1.15 13.94
C6A NAD D . -22.76 -2.46 14.53
N6A NAD D . -22.62 -2.67 15.87
N1A NAD D . -23.19 -3.44 13.71
C2A NAD D . -23.34 -3.25 12.39
N3A NAD D . -23.07 -2.09 11.78
C4A NAD D . -22.63 -1.01 12.49
O3 NAD D . -17.86 5.29 9.96
PN NAD D . -16.76 5.69 8.87
O1N NAD D . -16.33 7.13 9.10
O2N NAD D . -17.21 5.24 7.50
O5D NAD D . -15.56 4.74 9.35
C5D NAD D . -15.17 3.57 8.64
C4D NAD D . -14.02 2.94 9.39
O4D NAD D . -12.86 3.76 9.22
C3D NAD D . -14.30 2.91 10.89
O3D NAD D . -13.82 1.66 11.40
C2D NAD D . -13.48 4.04 11.46
O2D NAD D . -13.05 3.74 12.79
C1D NAD D . -12.32 4.15 10.49
N1N NAD D . -11.82 5.52 10.41
C2N NAD D . -12.46 6.42 9.65
C3N NAD D . -12.01 7.73 9.56
C7N NAD D . -12.72 8.73 8.70
O7N NAD D . -12.14 9.77 8.42
N7N NAD D . -13.94 8.45 8.24
C4N NAD D . -10.87 8.11 10.27
C5N NAD D . -10.22 7.16 11.06
C6N NAD D . -10.73 5.86 11.10
C1 EDO E . -36.65 -2.70 12.50
O1 EDO E . -36.91 -3.16 13.82
C2 EDO E . -35.16 -2.42 12.34
O2 EDO E . -34.93 -1.80 11.07
C1 EDO F . -23.40 8.05 -0.70
O1 EDO F . -24.15 6.86 -0.99
C2 EDO F . -22.28 8.22 -1.72
O2 EDO F . -21.70 9.53 -1.57
CA CA G . -18.44 -9.63 18.48
PA NAD H . 19.99 -5.79 -8.84
O1A NAD H . 21.45 -5.51 -8.55
O2A NAD H . 19.49 -7.20 -8.98
O5B NAD H . 19.58 -4.96 -10.16
C5B NAD H . 20.08 -3.64 -10.32
C4B NAD H . 19.86 -3.16 -11.74
O4B NAD H . 20.19 -1.77 -11.80
C3B NAD H . 20.78 -3.88 -12.72
O3B NAD H . 20.11 -4.07 -13.97
C2B NAD H . 21.91 -2.92 -12.93
O2B NAD H . 22.45 -3.04 -14.26
C1B NAD H . 21.26 -1.57 -12.72
N9A NAD H . 22.22 -0.58 -12.19
C8A NAD H . 23.01 -0.71 -11.09
N7A NAD H . 23.77 0.38 -10.90
C5A NAD H . 23.49 1.25 -11.90
C6A NAD H . 23.94 2.60 -12.31
N6A NAD H . 24.88 3.27 -11.60
N1A NAD H . 23.37 3.14 -13.42
C2A NAD H . 22.45 2.49 -14.13
N3A NAD H . 21.99 1.26 -13.82
C4A NAD H . 22.47 0.61 -12.74
O3 NAD H . 19.12 -5.02 -7.72
PN NAD H . 17.63 -5.46 -7.30
O1N NAD H . 17.73 -6.62 -6.33
O2N NAD H . 16.76 -5.57 -8.52
O5D NAD H . 17.19 -4.17 -6.46
C5D NAD H . 16.20 -3.25 -6.92
C4D NAD H . 16.00 -2.19 -5.84
O4D NAD H . 15.35 -2.78 -4.72
C3D NAD H . 17.33 -1.65 -5.36
O3D NAD H . 17.23 -0.25 -5.11
C2D NAD H . 17.56 -2.34 -4.03
O2D NAD H . 18.30 -1.50 -3.15
C1D NAD H . 16.15 -2.60 -3.54
N1N NAD H . 16.08 -3.79 -2.70
C2N NAD H . 15.96 -5.01 -3.26
C3N NAD H . 15.90 -6.13 -2.44
C7N NAD H . 15.76 -7.50 -3.02
O7N NAD H . 15.48 -8.41 -2.26
N7N NAD H . 15.93 -7.68 -4.32
C4N NAD H . 15.97 -5.99 -1.06
C5N NAD H . 16.10 -4.73 -0.52
C6N NAD H . 16.16 -3.64 -1.37
C1 MPD I . 18.97 -8.27 2.36
C2 MPD I . 19.40 -7.60 1.05
O2 MPD I . 19.13 -6.17 1.13
CM MPD I . 18.57 -8.18 -0.09
C3 MPD I . 20.87 -7.83 0.81
C4 MPD I . 21.46 -6.83 -0.20
O4 MPD I . 22.60 -6.22 0.37
C5 MPD I . 21.84 -7.49 -1.52
P PO4 J . 26.95 -15.32 6.75
O1 PO4 J . 27.75 -14.05 6.56
O2 PO4 J . 27.78 -16.50 6.29
O3 PO4 J . 25.70 -15.25 5.93
O4 PO4 J . 26.59 -15.47 8.21
C1 EDO K . 25.04 17.07 -9.94
O1 EDO K . 24.65 15.73 -10.31
C2 EDO K . 23.79 17.88 -9.60
O2 EDO K . 22.87 17.83 -10.70
C1 EDO L . 22.43 18.78 -5.12
O1 EDO L . 23.52 17.93 -5.51
C2 EDO L . 21.40 18.89 -6.22
O2 EDO L . 22.00 19.40 -7.41
CA CA M . 23.68 11.80 -9.33
#